data_4LPA
#
_entry.id   4LPA
#
_cell.length_a   84.690
_cell.length_b   84.690
_cell.length_c   239.930
_cell.angle_alpha   90.00
_cell.angle_beta   90.00
_cell.angle_gamma   90.00
#
_symmetry.space_group_name_H-M   'P 41 21 2'
#
loop_
_entity.id
_entity.type
_entity.pdbx_description
1 polymer 'Cyclin-dependent kinases regulatory subunit'
2 water water
#
_entity_poly.entity_id   1
_entity_poly.type   'polypeptide(L)'
_entity_poly.pdbx_seq_one_letter_code
;MYHHYHAFQGRKLTDQERARVLEFQDSIHYSPRYSDDNYEYRHVMLPKAMLKVIPSDYFNSEVGTLRILTEDEWRGLGIT
QSLGWEHYECHAPEPHILLFKRPLNYEAELRAAIPI(TPO)PT
;
_entity_poly.pdbx_strand_id   A,B,C,D
#
# COMPACT_ATOMS: atom_id res chain seq x y z
N ALA A 7 -23.09 -23.73 -10.53
CA ALA A 7 -22.47 -24.13 -11.79
C ALA A 7 -20.97 -23.76 -11.87
N PHE A 8 -20.14 -24.42 -11.06
CA PHE A 8 -18.68 -24.16 -10.95
C PHE A 8 -18.00 -24.07 -12.31
N GLN A 9 -17.33 -22.95 -12.57
CA GLN A 9 -16.48 -22.85 -13.75
C GLN A 9 -15.10 -23.36 -13.40
N GLY A 10 -14.62 -24.35 -14.13
CA GLY A 10 -13.29 -24.86 -13.91
C GLY A 10 -13.30 -26.11 -13.07
N ARG A 11 -12.12 -26.57 -12.68
CA ARG A 11 -12.00 -27.84 -12.00
C ARG A 11 -12.22 -27.69 -10.51
N LYS A 12 -13.44 -27.92 -10.03
CA LYS A 12 -13.71 -27.80 -8.60
C LYS A 12 -12.83 -28.76 -7.82
N LEU A 13 -12.39 -28.32 -6.65
CA LEU A 13 -11.59 -29.17 -5.78
C LEU A 13 -12.52 -30.16 -5.15
N THR A 14 -11.97 -31.27 -4.69
CA THR A 14 -12.74 -32.23 -3.93
C THR A 14 -12.79 -31.81 -2.49
N ASP A 15 -13.69 -32.41 -1.71
CA ASP A 15 -13.81 -32.03 -0.30
C ASP A 15 -12.50 -32.30 0.39
N GLN A 16 -11.68 -33.13 -0.23
CA GLN A 16 -10.44 -33.57 0.36
C GLN A 16 -9.28 -32.64 0.04
N GLU A 17 -9.19 -32.26 -1.23
CA GLU A 17 -8.23 -31.27 -1.65
C GLU A 17 -8.50 -29.98 -0.90
N ARG A 18 -9.73 -29.49 -1.02
CA ARG A 18 -10.17 -28.24 -0.39
C ARG A 18 -9.75 -28.12 1.08
N ALA A 19 -9.92 -29.16 1.86
CA ALA A 19 -9.55 -29.09 3.28
C ALA A 19 -8.06 -28.87 3.48
N ARG A 20 -7.30 -29.50 2.60
CA ARG A 20 -5.85 -29.46 2.66
C ARG A 20 -5.31 -28.07 2.28
N VAL A 21 -5.97 -27.43 1.31
CA VAL A 21 -5.55 -26.11 0.87
C VAL A 21 -6.02 -25.02 1.82
N LEU A 22 -7.24 -25.17 2.33
CA LEU A 22 -7.83 -24.15 3.18
C LEU A 22 -7.10 -23.96 4.51
N GLU A 23 -6.20 -24.88 4.85
CA GLU A 23 -5.45 -24.77 6.08
C GLU A 23 -4.44 -23.60 6.03
N PHE A 24 -4.04 -23.25 4.82
CA PHE A 24 -3.05 -22.18 4.60
C PHE A 24 -3.71 -20.81 4.40
N GLN A 25 -5.04 -20.78 4.45
CA GLN A 25 -5.75 -19.59 4.06
C GLN A 25 -5.37 -18.33 4.82
N ASP A 26 -5.14 -18.44 6.14
CA ASP A 26 -4.79 -17.30 6.99
C ASP A 26 -3.38 -16.77 6.76
N SER A 27 -2.59 -17.47 5.95
CA SER A 27 -1.21 -17.08 5.71
C SER A 27 -0.99 -16.52 4.30
N ILE A 28 -2.05 -16.33 3.55
CA ILE A 28 -1.96 -15.76 2.23
C ILE A 28 -1.80 -14.24 2.39
N HIS A 29 -0.88 -13.64 1.63
CA HIS A 29 -0.63 -12.19 1.71
CA HIS A 29 -0.67 -12.20 1.73
C HIS A 29 -1.17 -11.48 0.48
N TYR A 30 -1.78 -10.32 0.70
CA TYR A 30 -2.32 -9.54 -0.42
C TYR A 30 -1.64 -8.16 -0.51
N SER A 31 -0.96 -7.92 -1.64
CA SER A 31 -0.28 -6.67 -1.89
C SER A 31 -1.21 -5.46 -2.01
N PRO A 32 -0.66 -4.24 -1.81
CA PRO A 32 -1.49 -3.07 -2.10
C PRO A 32 -1.80 -3.00 -3.56
N ARG A 33 -2.80 -2.24 -3.94
CA ARG A 33 -3.17 -2.18 -5.34
C ARG A 33 -2.34 -1.11 -5.95
N TYR A 34 -1.99 -1.26 -7.23
CA TYR A 34 -1.33 -0.18 -7.98
C TYR A 34 -2.01 -0.08 -9.33
N SER A 35 -1.79 0.98 -10.10
CA SER A 35 -2.58 1.16 -11.32
C SER A 35 -1.88 1.81 -12.50
N ASP A 36 -2.33 1.48 -13.72
CA ASP A 36 -1.94 2.25 -14.90
C ASP A 36 -3.17 2.93 -15.55
N ASP A 37 -3.14 3.13 -16.87
CA ASP A 37 -4.20 3.86 -17.53
C ASP A 37 -5.48 3.04 -17.69
N ASN A 38 -5.37 1.72 -17.59
CA ASN A 38 -6.54 0.87 -17.83
C ASN A 38 -6.88 -0.12 -16.70
N TYR A 39 -5.87 -0.56 -15.98
CA TYR A 39 -6.08 -1.60 -14.98
C TYR A 39 -5.58 -1.21 -13.59
N GLU A 40 -6.22 -1.75 -12.56
CA GLU A 40 -5.62 -1.84 -11.24
C GLU A 40 -4.93 -3.18 -11.20
N TYR A 41 -3.87 -3.28 -10.42
CA TYR A 41 -3.18 -4.55 -10.25
C TYR A 41 -2.97 -4.84 -8.78
N ARG A 42 -2.66 -6.08 -8.46
CA ARG A 42 -2.26 -6.45 -7.12
C ARG A 42 -1.66 -7.82 -7.27
N HIS A 43 -0.86 -8.27 -6.33
CA HIS A 43 -0.45 -9.66 -6.43
C HIS A 43 -0.66 -10.35 -5.11
N VAL A 44 -0.88 -11.65 -5.18
CA VAL A 44 -1.22 -12.43 -4.03
C VAL A 44 -0.06 -13.37 -3.80
N MET A 45 0.41 -13.46 -2.56
CA MET A 45 1.54 -14.32 -2.29
C MET A 45 1.11 -15.45 -1.39
N LEU A 46 1.27 -16.66 -1.89
CA LEU A 46 0.92 -17.88 -1.16
C LEU A 46 2.13 -18.38 -0.37
N PRO A 47 1.90 -18.96 0.83
CA PRO A 47 2.99 -19.64 1.54
C PRO A 47 3.55 -20.72 0.67
N LYS A 48 4.87 -20.86 0.59
CA LYS A 48 5.49 -21.83 -0.29
C LYS A 48 4.93 -23.24 -0.01
N ALA A 49 4.64 -23.51 1.26
CA ALA A 49 4.11 -24.80 1.69
C ALA A 49 2.72 -25.11 1.11
N MET A 50 1.94 -24.07 0.82
CA MET A 50 0.63 -24.24 0.20
C MET A 50 0.79 -24.78 -1.21
N LEU A 51 1.91 -24.45 -1.84
CA LEU A 51 2.13 -24.88 -3.21
C LEU A 51 2.19 -26.39 -3.27
N LYS A 52 2.69 -27.00 -2.20
CA LYS A 52 2.80 -28.47 -2.12
C LYS A 52 1.45 -29.20 -2.13
N VAL A 53 0.38 -28.57 -1.65
CA VAL A 53 -0.92 -29.25 -1.59
C VAL A 53 -1.88 -28.68 -2.62
N ILE A 54 -1.40 -27.86 -3.51
CA ILE A 54 -2.23 -27.40 -4.62
C ILE A 54 -2.16 -28.54 -5.61
N PRO A 55 -3.32 -29.07 -6.00
CA PRO A 55 -3.45 -30.25 -6.87
C PRO A 55 -2.66 -30.11 -8.17
N SER A 56 -2.19 -31.24 -8.70
CA SER A 56 -1.27 -31.21 -9.81
C SER A 56 -1.78 -30.57 -11.09
N ASP A 57 -3.09 -30.62 -11.34
CA ASP A 57 -3.61 -30.11 -12.60
C ASP A 57 -3.71 -28.59 -12.59
N TYR A 58 -3.40 -28.01 -11.43
CA TYR A 58 -3.46 -26.56 -11.27
C TYR A 58 -2.16 -25.88 -11.69
N PHE A 59 -1.11 -26.68 -11.87
CA PHE A 59 0.13 -26.18 -12.45
C PHE A 59 0.09 -26.52 -13.93
N ASN A 60 0.87 -25.83 -14.75
CA ASN A 60 1.07 -26.34 -16.10
C ASN A 60 2.47 -26.94 -16.15
N SER A 61 2.55 -28.17 -16.66
CA SER A 61 3.76 -28.98 -16.58
C SER A 61 5.01 -28.27 -17.10
N GLU A 62 4.82 -27.39 -18.09
CA GLU A 62 5.91 -26.67 -18.72
C GLU A 62 6.78 -25.89 -17.72
N VAL A 63 6.25 -24.80 -17.16
CA VAL A 63 7.02 -23.86 -16.34
C VAL A 63 7.30 -24.34 -14.91
N GLY A 64 6.24 -24.64 -14.17
CA GLY A 64 6.33 -24.96 -12.76
C GLY A 64 5.43 -23.98 -12.04
N THR A 65 4.88 -23.06 -12.83
CA THR A 65 3.96 -22.04 -12.34
C THR A 65 2.51 -22.53 -12.35
N LEU A 66 1.62 -21.75 -11.73
CA LEU A 66 0.22 -22.05 -11.79
C LEU A 66 -0.25 -21.65 -13.17
N ARG A 67 -1.28 -22.35 -13.67
CA ARG A 67 -1.93 -22.03 -14.93
C ARG A 67 -2.89 -20.88 -14.67
N ILE A 68 -3.50 -20.33 -15.72
CA ILE A 68 -4.57 -19.35 -15.48
C ILE A 68 -5.71 -20.01 -14.70
N LEU A 69 -6.16 -19.37 -13.62
CA LEU A 69 -7.26 -19.89 -12.83
C LEU A 69 -8.52 -19.09 -13.13
N THR A 70 -9.65 -19.79 -13.16
CA THR A 70 -10.93 -19.12 -13.27
C THR A 70 -11.24 -18.49 -11.92
N GLU A 71 -12.18 -17.55 -11.88
CA GLU A 71 -12.51 -16.95 -10.61
C GLU A 71 -12.92 -18.02 -9.61
N ASP A 72 -13.85 -18.90 -9.98
CA ASP A 72 -14.26 -19.99 -9.09
C ASP A 72 -13.08 -20.81 -8.60
N GLU A 73 -12.12 -21.07 -9.48
CA GLU A 73 -10.95 -21.89 -9.14
C GLU A 73 -10.09 -21.24 -8.06
N TRP A 74 -9.72 -19.97 -8.23
CA TRP A 74 -8.83 -19.34 -7.25
C TRP A 74 -9.54 -18.89 -5.97
N ARG A 75 -10.84 -18.60 -6.04
CA ARG A 75 -11.56 -18.34 -4.81
C ARG A 75 -11.67 -19.67 -4.09
N GLY A 76 -11.78 -20.74 -4.86
CA GLY A 76 -11.74 -22.09 -4.33
C GLY A 76 -10.51 -22.38 -3.49
N LEU A 77 -9.37 -21.79 -3.85
CA LEU A 77 -8.11 -22.03 -3.13
C LEU A 77 -7.99 -21.28 -1.82
N GLY A 78 -8.97 -20.43 -1.53
CA GLY A 78 -8.96 -19.68 -0.29
C GLY A 78 -8.60 -18.22 -0.47
N ILE A 79 -8.15 -17.88 -1.68
CA ILE A 79 -7.74 -16.53 -2.03
C ILE A 79 -8.95 -15.61 -2.03
N THR A 80 -8.99 -14.73 -1.04
CA THR A 80 -10.16 -13.92 -0.72
C THR A 80 -9.94 -12.45 -1.04
N GLN A 81 -10.56 -11.95 -2.11
CA GLN A 81 -10.47 -10.53 -2.44
C GLN A 81 -11.77 -10.07 -3.06
N SER A 82 -11.90 -8.77 -3.30
CA SER A 82 -13.18 -8.21 -3.71
C SER A 82 -13.54 -8.49 -5.18
N LEU A 83 -14.64 -7.93 -5.65
CA LEU A 83 -15.13 -8.29 -6.97
C LEU A 83 -14.36 -7.62 -8.09
N GLY A 84 -14.20 -8.35 -9.19
CA GLY A 84 -13.66 -7.80 -10.41
C GLY A 84 -12.31 -8.31 -10.82
N TRP A 85 -11.59 -8.91 -9.89
CA TRP A 85 -10.22 -9.30 -10.13
C TRP A 85 -10.11 -10.45 -11.08
N GLU A 86 -9.21 -10.32 -12.05
CA GLU A 86 -8.90 -11.37 -12.97
C GLU A 86 -7.48 -11.85 -12.76
N HIS A 87 -7.30 -13.14 -12.76
CA HIS A 87 -5.98 -13.73 -12.70
C HIS A 87 -5.34 -13.72 -14.07
N TYR A 88 -4.13 -13.22 -14.17
CA TYR A 88 -3.46 -13.20 -15.46
C TYR A 88 -2.06 -13.73 -15.36
N GLU A 89 -1.54 -14.14 -16.52
CA GLU A 89 -0.22 -14.74 -16.60
C GLU A 89 0.79 -13.62 -16.59
N CYS A 90 1.83 -13.85 -15.80
CA CYS A 90 2.88 -12.88 -15.62
C CYS A 90 4.11 -13.12 -16.47
N HIS A 91 5.25 -12.75 -15.90
CA HIS A 91 6.53 -13.23 -16.37
C HIS A 91 6.72 -14.59 -15.73
N ALA A 92 7.96 -14.99 -15.50
CA ALA A 92 8.18 -16.21 -14.76
C ALA A 92 8.69 -15.89 -13.36
N PRO A 93 7.82 -15.34 -12.49
CA PRO A 93 8.36 -15.07 -11.16
C PRO A 93 8.40 -16.38 -10.40
N GLU A 94 8.68 -16.30 -9.11
CA GLU A 94 8.45 -17.44 -8.25
C GLU A 94 6.99 -17.86 -8.41
N PRO A 95 6.73 -19.17 -8.42
CA PRO A 95 5.38 -19.69 -8.70
C PRO A 95 4.37 -19.27 -7.65
N HIS A 96 4.85 -18.93 -6.44
CA HIS A 96 3.94 -18.63 -5.33
C HIS A 96 3.43 -17.19 -5.36
N ILE A 97 3.85 -16.42 -6.35
CA ILE A 97 3.30 -15.09 -6.54
C ILE A 97 2.32 -15.15 -7.70
N LEU A 98 1.08 -14.79 -7.41
CA LEU A 98 0.02 -14.74 -8.41
C LEU A 98 -0.38 -13.30 -8.71
N LEU A 99 -0.52 -12.96 -10.00
CA LEU A 99 -0.89 -11.59 -10.35
C LEU A 99 -2.37 -11.48 -10.71
N PHE A 100 -3.01 -10.38 -10.31
CA PHE A 100 -4.41 -10.12 -10.60
C PHE A 100 -4.59 -8.72 -11.18
N LYS A 101 -5.56 -8.54 -12.05
CA LYS A 101 -5.90 -7.18 -12.47
C LYS A 101 -7.39 -7.02 -12.58
N ARG A 102 -7.85 -5.78 -12.54
CA ARG A 102 -9.23 -5.49 -12.85
C ARG A 102 -9.25 -4.10 -13.47
N PRO A 103 -10.24 -3.84 -14.33
CA PRO A 103 -10.35 -2.55 -15.01
C PRO A 103 -10.61 -1.39 -14.06
N LEU A 104 -10.10 -0.22 -14.41
CA LEU A 104 -10.38 0.98 -13.67
C LEU A 104 -11.83 1.38 -13.72
N ASN A 105 -12.46 1.09 -14.85
CA ASN A 105 -13.86 1.41 -15.06
C ASN A 105 -14.73 0.28 -14.53
N TYR A 106 -14.47 -0.09 -13.27
CA TYR A 106 -15.19 -1.21 -12.69
C TYR A 106 -16.33 -0.72 -11.78
N GLU A 107 -17.52 -1.29 -11.95
CA GLU A 107 -18.66 -0.85 -11.16
C GLU A 107 -19.14 -1.86 -10.11
N ALA A 108 -18.68 -3.11 -10.20
CA ALA A 108 -18.85 -4.06 -9.08
C ALA A 108 -20.28 -4.24 -8.59
N GLU A 109 -21.20 -4.62 -9.48
CA GLU A 109 -22.57 -4.87 -9.05
C GLU A 109 -22.84 -6.32 -8.68
N LEU A 110 -23.97 -6.53 -8.01
CA LEU A 110 -24.44 -7.87 -7.74
C LEU A 110 -25.79 -8.09 -8.49
N ARG A 111 -25.79 -9.02 -9.46
CA ARG A 111 -26.94 -9.28 -10.32
C ARG A 111 -27.44 -10.70 -10.14
N ALA A 112 -28.67 -10.84 -9.69
CA ALA A 112 -29.28 -12.15 -9.57
C ALA A 112 -30.64 -12.16 -10.28
N ALA A 113 -30.84 -13.10 -11.19
CA ALA A 113 -32.17 -13.26 -11.78
C ALA A 113 -33.09 -13.76 -10.69
N ILE A 114 -34.31 -13.23 -10.63
CA ILE A 114 -35.25 -13.78 -9.67
C ILE A 114 -36.50 -14.30 -10.40
N PRO A 115 -36.97 -15.48 -9.97
CA PRO A 115 -37.98 -16.26 -10.67
C PRO A 115 -39.42 -15.87 -10.31
N ILE A 116 -40.29 -15.78 -11.32
CA ILE A 116 -41.74 -15.59 -11.15
C ILE A 116 -42.51 -16.73 -11.81
N PRO A 118 -44.95 -18.42 -14.40
CA PRO A 118 -45.37 -18.08 -15.77
C PRO A 118 -46.88 -17.95 -15.90
N THR A 119 -47.32 -17.21 -16.91
CA THR A 119 -48.73 -16.95 -17.12
C THR A 119 -49.44 -18.17 -17.73
N ALA B 7 -35.21 4.52 3.53
CA ALA B 7 -35.36 5.11 4.88
C ALA B 7 -34.04 5.70 5.47
N PHE B 8 -33.56 6.83 4.93
CA PHE B 8 -32.27 7.44 5.33
C PHE B 8 -32.05 7.66 6.84
N GLN B 9 -30.94 7.14 7.37
CA GLN B 9 -30.53 7.42 8.74
C GLN B 9 -29.71 8.71 8.86
N GLY B 10 -30.17 9.67 9.66
CA GLY B 10 -29.41 10.89 9.84
C GLY B 10 -29.85 12.03 8.95
N ARG B 11 -29.06 13.09 8.93
CA ARG B 11 -29.40 14.29 8.19
C ARG B 11 -28.91 14.18 6.73
N LYS B 12 -29.79 13.80 5.82
CA LYS B 12 -29.45 13.71 4.39
C LYS B 12 -29.05 15.07 3.81
N LEU B 13 -28.11 15.09 2.87
CA LEU B 13 -27.75 16.33 2.22
C LEU B 13 -28.85 16.76 1.23
N THR B 14 -28.94 18.07 0.98
CA THR B 14 -29.85 18.62 -0.03
C THR B 14 -29.16 18.60 -1.37
N ASP B 15 -29.92 18.75 -2.44
CA ASP B 15 -29.34 18.61 -3.77
C ASP B 15 -28.22 19.62 -4.04
N GLN B 16 -28.22 20.71 -3.30
CA GLN B 16 -27.22 21.73 -3.54
C GLN B 16 -25.99 21.42 -2.70
N GLU B 17 -26.23 21.03 -1.45
CA GLU B 17 -25.15 20.58 -0.57
C GLU B 17 -24.40 19.41 -1.22
N ARG B 18 -25.11 18.35 -1.59
CA ARG B 18 -24.48 17.19 -2.21
C ARG B 18 -23.57 17.55 -3.38
N ALA B 19 -24.04 18.39 -4.30
CA ALA B 19 -23.23 18.77 -5.45
C ALA B 19 -21.95 19.54 -5.06
N ARG B 20 -22.06 20.33 -4.00
CA ARG B 20 -20.98 21.17 -3.53
C ARG B 20 -19.83 20.36 -2.93
N VAL B 21 -20.21 19.32 -2.18
CA VAL B 21 -19.29 18.42 -1.50
C VAL B 21 -18.69 17.35 -2.43
N LEU B 22 -19.49 16.84 -3.34
CA LEU B 22 -19.05 15.78 -4.26
C LEU B 22 -17.94 16.24 -5.19
N GLU B 23 -17.66 17.54 -5.22
CA GLU B 23 -16.59 18.08 -6.04
C GLU B 23 -15.25 17.61 -5.54
N PHE B 24 -15.22 17.32 -4.25
CA PHE B 24 -13.99 16.92 -3.58
C PHE B 24 -13.79 15.42 -3.56
N GLN B 25 -14.75 14.67 -4.11
CA GLN B 25 -14.73 13.21 -3.97
C GLN B 25 -13.48 12.51 -4.51
N ASP B 26 -12.98 12.93 -5.67
CA ASP B 26 -11.81 12.28 -6.25
C ASP B 26 -10.53 12.57 -5.48
N SER B 27 -10.61 13.43 -4.49
CA SER B 27 -9.40 13.83 -3.78
C SER B 27 -9.34 13.26 -2.36
N ILE B 28 -10.32 12.45 -2.01
CA ILE B 28 -10.33 11.85 -0.68
C ILE B 28 -9.37 10.68 -0.68
N HIS B 29 -8.60 10.56 0.40
CA HIS B 29 -7.49 9.61 0.50
CA HIS B 29 -7.53 9.58 0.48
C HIS B 29 -7.79 8.51 1.53
N TYR B 30 -7.39 7.28 1.24
CA TYR B 30 -7.68 6.17 2.14
C TYR B 30 -6.42 5.47 2.67
N SER B 31 -6.29 5.40 3.99
CA SER B 31 -5.18 4.70 4.63
C SER B 31 -5.21 3.19 4.46
N PRO B 32 -4.04 2.54 4.62
CA PRO B 32 -4.11 1.10 4.73
C PRO B 32 -4.79 0.72 6.00
N ARG B 33 -5.20 -0.53 6.11
CA ARG B 33 -5.83 -1.01 7.31
C ARG B 33 -4.77 -1.47 8.28
N TYR B 34 -5.09 -1.38 9.57
CA TYR B 34 -4.30 -2.00 10.65
C TYR B 34 -5.26 -2.62 11.64
N SER B 35 -4.79 -3.50 12.52
CA SER B 35 -5.72 -4.22 13.38
C SER B 35 -5.19 -4.62 14.75
N ASP B 36 -6.12 -4.78 15.70
CA ASP B 36 -5.80 -5.39 16.97
C ASP B 36 -6.54 -6.73 17.10
N ASP B 37 -6.90 -7.11 18.32
CA ASP B 37 -7.49 -8.43 18.55
C ASP B 37 -8.96 -8.50 18.11
N ASN B 38 -9.64 -7.36 18.00
CA ASN B 38 -11.06 -7.37 17.64
C ASN B 38 -11.44 -6.51 16.46
N TYR B 39 -10.67 -5.45 16.17
CA TYR B 39 -11.10 -4.58 15.09
C TYR B 39 -10.04 -4.37 14.03
N GLU B 40 -10.51 -4.09 12.82
CA GLU B 40 -9.72 -3.48 11.78
C GLU B 40 -9.86 -2.01 11.93
N TYR B 41 -8.83 -1.26 11.57
CA TYR B 41 -8.96 0.19 11.54
C TYR B 41 -8.37 0.79 10.29
N ARG B 42 -8.83 1.98 9.96
CA ARG B 42 -8.26 2.74 8.85
C ARG B 42 -8.71 4.15 9.03
N HIS B 43 -8.03 5.09 8.42
CA HIS B 43 -8.64 6.38 8.37
C HIS B 43 -8.65 7.02 7.00
N VAL B 44 -9.62 7.91 6.90
CA VAL B 44 -10.01 8.54 5.67
C VAL B 44 -9.65 9.99 5.81
N MET B 45 -8.99 10.53 4.79
CA MET B 45 -8.48 11.88 4.90
C MET B 45 -9.05 12.81 3.87
N LEU B 46 -9.78 13.79 4.35
CA LEU B 46 -10.42 14.73 3.46
C LEU B 46 -9.48 15.91 3.19
N PRO B 47 -9.51 16.45 1.97
CA PRO B 47 -8.81 17.70 1.66
C PRO B 47 -9.37 18.78 2.60
N LYS B 48 -8.51 19.62 3.18
CA LYS B 48 -8.96 20.63 4.14
C LYS B 48 -10.04 21.54 3.55
N ALA B 49 -9.94 21.80 2.24
CA ALA B 49 -10.89 22.66 1.56
C ALA B 49 -12.30 22.09 1.60
N MET B 50 -12.42 20.77 1.64
CA MET B 50 -13.72 20.11 1.66
C MET B 50 -14.49 20.38 2.96
N LEU B 51 -13.77 20.59 4.05
CA LEU B 51 -14.42 20.85 5.33
C LEU B 51 -15.26 22.12 5.27
N LYS B 52 -14.79 23.04 4.44
CA LYS B 52 -15.38 24.36 4.30
C LYS B 52 -16.79 24.28 3.74
N VAL B 53 -17.09 23.25 2.94
CA VAL B 53 -18.41 23.14 2.28
C VAL B 53 -19.29 22.03 2.88
N ILE B 54 -18.84 21.46 3.99
CA ILE B 54 -19.67 20.52 4.72
C ILE B 54 -20.63 21.26 5.63
N PRO B 55 -21.94 20.95 5.52
CA PRO B 55 -22.98 21.62 6.30
C PRO B 55 -22.70 21.66 7.80
N SER B 56 -23.22 22.68 8.45
CA SER B 56 -22.91 22.98 9.85
C SER B 56 -23.35 21.96 10.88
N ASP B 57 -24.45 21.25 10.62
CA ASP B 57 -25.01 20.33 11.62
C ASP B 57 -24.26 19.00 11.64
N TYR B 58 -23.29 18.86 10.74
CA TYR B 58 -22.46 17.67 10.66
C TYR B 58 -21.29 17.81 11.62
N PHE B 59 -21.07 19.04 12.08
CA PHE B 59 -20.07 19.30 13.11
C PHE B 59 -20.68 19.36 14.49
N ASN B 60 -19.83 19.23 15.51
CA ASN B 60 -20.28 19.61 16.83
C ASN B 60 -19.65 20.97 17.10
N SER B 61 -20.49 21.93 17.50
CA SER B 61 -20.09 23.31 17.69
C SER B 61 -18.92 23.45 18.66
N GLU B 62 -18.91 22.56 19.65
CA GLU B 62 -17.94 22.57 20.74
C GLU B 62 -16.50 22.57 20.25
N VAL B 63 -16.08 21.42 19.71
CA VAL B 63 -14.69 21.17 19.35
C VAL B 63 -14.26 21.83 18.05
N GLY B 64 -14.92 21.48 16.96
CA GLY B 64 -14.51 21.91 15.63
C GLY B 64 -14.32 20.67 14.75
N THR B 65 -14.51 19.52 15.38
CA THR B 65 -14.43 18.23 14.70
C THR B 65 -15.81 17.86 14.14
N LEU B 66 -15.88 16.81 13.31
CA LEU B 66 -17.16 16.24 12.88
C LEU B 66 -17.75 15.37 13.96
N ARG B 67 -19.07 15.30 14.02
CA ARG B 67 -19.72 14.40 14.95
C ARG B 67 -19.66 13.01 14.38
N ILE B 68 -20.03 12.01 15.17
CA ILE B 68 -20.13 10.66 14.67
C ILE B 68 -21.16 10.61 13.53
N LEU B 69 -20.75 10.06 12.38
CA LEU B 69 -21.62 9.99 11.22
C LEU B 69 -22.18 8.59 11.05
N THR B 70 -23.45 8.55 10.67
CA THR B 70 -24.11 7.30 10.31
C THR B 70 -23.58 6.89 8.96
N GLU B 71 -23.73 5.62 8.65
CA GLU B 71 -23.21 5.13 7.40
C GLU B 71 -23.83 5.91 6.23
N ASP B 72 -25.15 6.05 6.22
CA ASP B 72 -25.78 6.82 5.16
C ASP B 72 -25.16 8.20 5.06
N GLU B 73 -24.91 8.82 6.22
CA GLU B 73 -24.36 10.18 6.24
C GLU B 73 -22.97 10.23 5.63
N TRP B 74 -22.05 9.40 6.09
CA TRP B 74 -20.68 9.57 5.61
C TRP B 74 -20.47 9.02 4.21
N ARG B 75 -21.34 8.11 3.76
CA ARG B 75 -21.33 7.69 2.35
C ARG B 75 -21.93 8.80 1.50
N GLY B 76 -22.89 9.52 2.08
CA GLY B 76 -23.45 10.70 1.46
C GLY B 76 -22.42 11.75 1.09
N LEU B 77 -21.38 11.87 1.93
CA LEU B 77 -20.34 12.86 1.74
C LEU B 77 -19.37 12.52 0.63
N GLY B 78 -19.52 11.33 0.07
CA GLY B 78 -18.65 10.91 -1.03
C GLY B 78 -17.60 9.92 -0.56
N ILE B 79 -17.48 9.75 0.76
CA ILE B 79 -16.50 8.81 1.32
C ILE B 79 -16.90 7.38 0.94
N THR B 80 -16.10 6.77 0.07
CA THR B 80 -16.37 5.47 -0.53
C THR B 80 -15.44 4.33 -0.06
N GLN B 81 -15.98 3.43 0.75
CA GLN B 81 -15.22 2.24 1.18
C GLN B 81 -16.17 1.04 1.32
N SER B 82 -15.62 -0.15 1.55
CA SER B 82 -16.41 -1.36 1.49
C SER B 82 -17.36 -1.50 2.69
N LEU B 83 -18.01 -2.65 2.81
CA LEU B 83 -19.06 -2.81 3.82
C LEU B 83 -18.46 -3.05 5.22
N GLY B 84 -19.11 -2.52 6.25
CA GLY B 84 -18.78 -2.90 7.61
C GLY B 84 -18.16 -1.82 8.44
N TRP B 85 -17.64 -0.81 7.74
CA TRP B 85 -16.90 0.25 8.40
C TRP B 85 -17.82 1.14 9.20
N GLU B 86 -17.45 1.39 10.43
CA GLU B 86 -18.15 2.32 11.29
C GLU B 86 -17.27 3.54 11.54
N HIS B 87 -17.87 4.72 11.52
CA HIS B 87 -17.18 5.94 11.91
C HIS B 87 -17.18 6.04 13.42
N TYR B 88 -16.01 6.19 14.02
CA TYR B 88 -15.92 6.30 15.47
C TYR B 88 -15.03 7.49 15.78
N GLU B 89 -15.06 7.94 17.02
CA GLU B 89 -14.37 9.18 17.34
C GLU B 89 -12.86 9.01 17.44
N CYS B 90 -12.16 10.01 16.97
CA CYS B 90 -10.71 10.00 17.02
C CYS B 90 -10.28 10.63 18.33
N HIS B 91 -9.10 11.22 18.32
CA HIS B 91 -8.70 12.23 19.29
C HIS B 91 -9.21 13.60 18.80
N ALA B 92 -8.56 14.70 19.17
CA ALA B 92 -8.90 15.99 18.57
C ALA B 92 -7.76 16.36 17.63
N PRO B 93 -7.69 15.64 16.50
CA PRO B 93 -6.59 15.84 15.56
C PRO B 93 -6.85 17.07 14.74
N GLU B 94 -6.09 17.21 13.67
CA GLU B 94 -6.60 18.05 12.62
C GLU B 94 -7.95 17.41 12.22
N PRO B 95 -8.98 18.25 11.99
CA PRO B 95 -10.37 17.83 11.77
C PRO B 95 -10.60 16.97 10.53
N HIS B 96 -9.68 17.00 9.57
CA HIS B 96 -9.91 16.37 8.27
C HIS B 96 -9.60 14.86 8.26
N ILE B 97 -9.18 14.31 9.40
CA ILE B 97 -8.99 12.87 9.47
C ILE B 97 -10.19 12.23 10.18
N LEU B 98 -10.88 11.31 9.52
CA LEU B 98 -11.98 10.58 10.15
C LEU B 98 -11.51 9.17 10.36
N LEU B 99 -11.73 8.62 11.55
CA LEU B 99 -11.26 7.28 11.86
C LEU B 99 -12.37 6.28 11.70
N PHE B 100 -12.08 5.11 11.13
CA PHE B 100 -13.09 4.07 10.94
C PHE B 100 -12.65 2.73 11.48
N LYS B 101 -13.61 1.95 11.99
CA LYS B 101 -13.34 0.57 12.38
C LYS B 101 -14.43 -0.39 11.90
N ARG B 102 -14.07 -1.67 11.76
CA ARG B 102 -15.05 -2.70 11.52
C ARG B 102 -14.53 -3.93 12.22
N PRO B 103 -15.44 -4.75 12.74
CA PRO B 103 -15.03 -5.94 13.51
C PRO B 103 -14.26 -6.96 12.67
N LEU B 104 -13.33 -7.68 13.27
CA LEU B 104 -12.60 -8.72 12.55
C LEU B 104 -13.57 -9.82 12.15
N ASN B 105 -14.63 -9.99 12.94
CA ASN B 105 -15.67 -10.96 12.67
C ASN B 105 -16.83 -10.40 11.84
N TYR B 106 -16.53 -9.72 10.76
CA TYR B 106 -17.57 -9.13 9.93
C TYR B 106 -17.90 -10.04 8.75
N GLU B 107 -19.20 -10.23 8.44
CA GLU B 107 -19.60 -11.22 7.45
C GLU B 107 -20.04 -10.64 6.11
N ALA B 108 -20.32 -9.34 6.04
CA ALA B 108 -20.39 -8.65 4.77
C ALA B 108 -21.33 -9.29 3.75
N GLU B 109 -22.60 -9.39 4.11
CA GLU B 109 -23.59 -9.88 3.15
C GLU B 109 -24.31 -8.73 2.45
N LEU B 110 -24.98 -9.04 1.36
CA LEU B 110 -25.87 -8.09 0.74
C LEU B 110 -27.29 -8.65 0.85
N ARG B 111 -28.18 -7.94 1.53
CA ARG B 111 -29.55 -8.39 1.69
C ARG B 111 -30.47 -7.37 1.09
N ALA B 112 -31.18 -7.77 0.05
CA ALA B 112 -32.16 -6.90 -0.57
C ALA B 112 -33.51 -7.60 -0.60
N ALA B 113 -34.53 -7.01 0.03
CA ALA B 113 -35.86 -7.60 -0.02
C ALA B 113 -36.34 -7.52 -1.46
N ILE B 114 -37.00 -8.58 -1.95
CA ILE B 114 -37.62 -8.49 -3.27
C ILE B 114 -39.12 -8.73 -3.09
N PRO B 115 -39.95 -8.02 -3.87
CA PRO B 115 -41.39 -8.04 -3.58
C PRO B 115 -42.16 -9.21 -4.22
N ILE B 116 -43.01 -9.83 -3.40
CA ILE B 116 -43.97 -10.83 -3.88
C ILE B 116 -45.39 -10.32 -3.61
N PRO B 118 -49.05 -10.34 -2.44
CA PRO B 118 -49.62 -10.96 -1.25
C PRO B 118 -50.86 -11.77 -1.57
N THR B 119 -51.25 -12.68 -0.67
CA THR B 119 -52.39 -13.55 -0.91
C THR B 119 -53.75 -12.85 -0.75
N ALA C 7 26.12 12.61 19.76
CA ALA C 7 25.30 13.27 20.78
C ALA C 7 23.85 12.75 20.85
N PHE C 8 23.66 11.51 21.32
CA PHE C 8 22.35 10.80 21.33
C PHE C 8 21.19 11.59 21.92
N GLN C 9 20.10 11.73 21.17
CA GLN C 9 18.85 12.32 21.69
C GLN C 9 17.96 11.27 22.34
N GLY C 10 17.64 11.44 23.62
CA GLY C 10 16.76 10.52 24.31
C GLY C 10 17.59 9.49 25.03
N ARG C 11 16.91 8.50 25.61
CA ARG C 11 17.57 7.52 26.44
C ARG C 11 18.12 6.36 25.62
N LYS C 12 19.40 6.38 25.30
CA LYS C 12 20.02 5.25 24.57
C LYS C 12 19.96 3.91 25.33
N LEU C 13 19.79 2.84 24.57
CA LEU C 13 19.73 1.51 25.13
C LEU C 13 21.13 1.09 25.59
N THR C 14 21.19 0.16 26.53
CA THR C 14 22.42 -0.47 26.98
C THR C 14 22.74 -1.69 26.10
N ASP C 15 23.96 -2.21 26.19
CA ASP C 15 24.31 -3.34 25.34
C ASP C 15 23.42 -4.54 25.62
N GLN C 16 22.81 -4.58 26.79
CA GLN C 16 22.05 -5.74 27.21
C GLN C 16 20.60 -5.65 26.72
N GLU C 17 20.01 -4.46 26.86
CA GLU C 17 18.72 -4.16 26.32
C GLU C 17 18.75 -4.33 24.80
N ARG C 18 19.65 -3.58 24.17
CA ARG C 18 19.82 -3.56 22.72
C ARG C 18 19.92 -4.94 22.10
N ALA C 19 20.73 -5.81 22.70
CA ALA C 19 20.87 -7.15 22.15
C ALA C 19 19.54 -7.92 22.20
N ARG C 20 18.77 -7.68 23.25
CA ARG C 20 17.50 -8.37 23.47
C ARG C 20 16.40 -7.91 22.50
N VAL C 21 16.38 -6.62 22.22
CA VAL C 21 15.39 -6.00 21.35
C VAL C 21 15.68 -6.22 19.87
N LEU C 22 16.95 -6.13 19.50
CA LEU C 22 17.36 -6.25 18.10
C LEU C 22 17.12 -7.64 17.55
N GLU C 23 16.80 -8.57 18.43
CA GLU C 23 16.50 -9.93 18.04
C GLU C 23 15.18 -9.95 17.23
N PHE C 24 14.32 -8.96 17.48
CA PHE C 24 13.03 -8.91 16.83
C PHE C 24 12.98 -8.12 15.54
N GLN C 25 14.10 -7.56 15.12
CA GLN C 25 14.13 -6.64 13.99
C GLN C 25 13.59 -7.17 12.67
N ASP C 26 13.88 -8.42 12.35
CA ASP C 26 13.45 -9.01 11.09
C ASP C 26 11.95 -9.26 11.04
N SER C 27 11.28 -9.05 12.16
CA SER C 27 9.85 -9.37 12.27
C SER C 27 8.95 -8.14 12.37
N ILE C 28 9.55 -6.96 12.21
CA ILE C 28 8.78 -5.73 12.21
C ILE C 28 8.07 -5.57 10.86
N HIS C 29 6.81 -5.13 10.83
CA HIS C 29 6.07 -4.92 9.58
CA HIS C 29 6.11 -4.91 9.57
C HIS C 29 5.91 -3.42 9.33
N TYR C 30 6.05 -3.00 8.08
CA TYR C 30 5.88 -1.58 7.74
C TYR C 30 4.73 -1.35 6.74
N SER C 31 3.74 -0.58 7.12
CA SER C 31 2.61 -0.28 6.25
C SER C 31 2.99 0.51 5.02
N PRO C 32 2.14 0.46 4.00
CA PRO C 32 2.27 1.38 2.88
C PRO C 32 2.04 2.79 3.34
N ARG C 33 2.47 3.78 2.55
CA ARG C 33 2.27 5.18 2.92
C ARG C 33 0.98 5.77 2.41
N TYR C 34 0.41 6.69 3.18
CA TYR C 34 -0.74 7.48 2.76
C TYR C 34 -0.56 8.94 3.07
N SER C 35 -1.41 9.79 2.53
CA SER C 35 -1.20 11.21 2.68
C SER C 35 -2.44 12.08 2.74
N ASP C 36 -2.32 13.23 3.39
CA ASP C 36 -3.36 14.25 3.29
C ASP C 36 -2.75 15.42 2.54
N ASP C 37 -3.21 16.64 2.85
CA ASP C 37 -2.76 17.82 2.12
C ASP C 37 -1.33 18.29 2.51
N ASN C 38 -0.85 17.90 3.69
CA ASN C 38 0.45 18.36 4.21
C ASN C 38 1.44 17.26 4.59
N TYR C 39 0.94 16.08 4.91
CA TYR C 39 1.82 15.02 5.38
C TYR C 39 1.69 13.67 4.66
N GLU C 40 2.78 12.90 4.65
CA GLU C 40 2.75 11.46 4.45
C GLU C 40 2.57 10.77 5.79
N TYR C 41 1.92 9.60 5.79
CA TYR C 41 1.84 8.79 7.01
C TYR C 41 2.13 7.32 6.72
N ARG C 42 2.45 6.57 7.77
CA ARG C 42 2.62 5.11 7.67
C ARG C 42 2.59 4.57 9.06
N HIS C 43 2.36 3.28 9.24
CA HIS C 43 2.53 2.76 10.57
C HIS C 43 3.34 1.49 10.60
N VAL C 44 3.97 1.31 11.74
CA VAL C 44 4.94 0.29 11.96
C VAL C 44 4.36 -0.59 13.03
N MET C 45 4.38 -1.90 12.81
CA MET C 45 3.85 -2.83 13.80
C MET C 45 4.92 -3.75 14.34
N LEU C 46 5.12 -3.69 15.65
CA LEU C 46 6.12 -4.54 16.28
C LEU C 46 5.50 -5.89 16.65
N PRO C 47 6.28 -6.98 16.57
CA PRO C 47 5.82 -8.28 17.04
C PRO C 47 5.40 -8.17 18.49
N LYS C 48 4.31 -8.82 18.88
CA LYS C 48 3.84 -8.70 20.26
C LYS C 48 4.89 -9.11 21.28
N ALA C 49 5.74 -10.07 20.93
CA ALA C 49 6.79 -10.51 21.84
C ALA C 49 7.81 -9.41 22.17
N MET C 50 8.07 -8.55 21.20
CA MET C 50 9.09 -7.49 21.32
C MET C 50 8.76 -6.44 22.36
N LEU C 51 7.48 -6.18 22.56
CA LEU C 51 7.11 -5.15 23.52
C LEU C 51 7.58 -5.51 24.91
N LYS C 52 7.68 -6.81 25.17
CA LYS C 52 8.02 -7.31 26.49
C LYS C 52 9.43 -6.89 26.91
N VAL C 53 10.33 -6.78 25.93
CA VAL C 53 11.74 -6.51 26.20
C VAL C 53 12.16 -5.09 25.82
N ILE C 54 11.22 -4.24 25.48
CA ILE C 54 11.49 -2.82 25.32
C ILE C 54 11.47 -2.24 26.71
N PRO C 55 12.55 -1.55 27.10
CA PRO C 55 12.70 -1.02 28.46
C PRO C 55 11.52 -0.16 28.90
N SER C 56 11.28 -0.20 30.19
CA SER C 56 10.09 0.38 30.77
C SER C 56 9.96 1.88 30.54
N ASP C 57 11.06 2.62 30.42
CA ASP C 57 10.95 4.08 30.32
C ASP C 57 10.56 4.55 28.95
N TYR C 58 10.45 3.61 28.02
CA TYR C 58 10.00 3.93 26.69
C TYR C 58 8.46 3.92 26.63
N PHE C 59 7.84 3.34 27.65
CA PHE C 59 6.40 3.38 27.76
C PHE C 59 6.01 4.49 28.71
N ASN C 60 4.74 4.90 28.63
CA ASN C 60 4.18 5.63 29.74
C ASN C 60 3.23 4.66 30.44
N SER C 61 3.42 4.55 31.75
CA SER C 61 2.74 3.58 32.60
C SER C 61 1.19 3.61 32.55
N GLU C 62 0.61 4.79 32.30
CA GLU C 62 -0.84 4.94 32.25
C GLU C 62 -1.47 3.96 31.29
N VAL C 63 -1.33 4.30 30.01
CA VAL C 63 -1.97 3.62 28.91
C VAL C 63 -1.29 2.30 28.62
N GLY C 64 0.02 2.32 28.40
CA GLY C 64 0.69 1.08 28.08
C GLY C 64 1.32 1.18 26.72
N THR C 65 1.11 2.33 26.09
CA THR C 65 1.65 2.59 24.77
C THR C 65 3.08 3.11 24.89
N LEU C 66 3.81 3.15 23.78
CA LEU C 66 5.13 3.73 23.83
C LEU C 66 4.94 5.23 23.89
N ARG C 67 5.91 5.92 24.50
CA ARG C 67 5.87 7.38 24.52
C ARG C 67 6.33 7.88 23.17
N ILE C 68 6.19 9.17 22.91
CA ILE C 68 6.76 9.69 21.67
C ILE C 68 8.27 9.42 21.68
N LEU C 69 8.77 8.81 20.61
CA LEU C 69 10.18 8.48 20.55
C LEU C 69 10.93 9.47 19.67
N THR C 70 12.14 9.82 20.07
CA THR C 70 13.00 10.60 19.19
C THR C 70 13.51 9.67 18.11
N GLU C 71 13.97 10.27 17.01
CA GLU C 71 14.46 9.50 15.89
C GLU C 71 15.54 8.55 16.35
N ASP C 72 16.53 9.06 17.06
CA ASP C 72 17.57 8.20 17.59
C ASP C 72 16.99 7.07 18.40
N GLU C 73 15.96 7.38 19.18
CA GLU C 73 15.40 6.38 20.06
C GLU C 73 14.81 5.21 19.28
N TRP C 74 13.91 5.49 18.36
CA TRP C 74 13.22 4.40 17.68
C TRP C 74 14.08 3.76 16.61
N ARG C 75 15.08 4.46 16.08
CA ARG C 75 15.99 3.79 15.16
C ARG C 75 16.82 2.85 15.98
N GLY C 76 17.07 3.27 17.23
CA GLY C 76 17.72 2.43 18.20
C GLY C 76 17.05 1.09 18.43
N LEU C 77 15.71 1.07 18.34
CA LEU C 77 14.94 -0.15 18.58
C LEU C 77 14.99 -1.12 17.43
N GLY C 78 15.56 -0.70 16.29
CA GLY C 78 15.59 -1.59 15.14
C GLY C 78 14.58 -1.19 14.07
N ILE C 79 13.71 -0.26 14.42
CA ILE C 79 12.71 0.23 13.48
C ILE C 79 13.44 0.97 12.40
N THR C 80 13.47 0.40 11.20
CA THR C 80 14.24 0.86 10.04
C THR C 80 13.43 1.43 8.89
N GLN C 81 13.47 2.73 8.67
CA GLN C 81 12.80 3.33 7.52
C GLN C 81 13.58 4.56 7.05
N SER C 82 13.23 5.14 5.93
CA SER C 82 14.09 6.16 5.33
C SER C 82 14.03 7.48 6.11
N LEU C 83 14.73 8.50 5.61
CA LEU C 83 14.93 9.71 6.39
C LEU C 83 13.66 10.55 6.46
N GLY C 84 13.45 11.24 7.58
CA GLY C 84 12.39 12.22 7.63
C GLY C 84 11.19 11.89 8.49
N TRP C 85 11.03 10.62 8.85
CA TRP C 85 9.85 10.18 9.57
C TRP C 85 9.84 10.66 11.02
N GLU C 86 8.69 11.18 11.46
CA GLU C 86 8.49 11.55 12.84
C GLU C 86 7.49 10.60 13.51
N HIS C 87 7.81 10.12 14.70
CA HIS C 87 6.89 9.33 15.48
C HIS C 87 5.91 10.26 16.14
N TYR C 88 4.61 10.03 15.97
CA TYR C 88 3.60 10.88 16.61
C TYR C 88 2.54 10.02 17.26
N GLU C 89 1.79 10.64 18.17
CA GLU C 89 0.86 9.91 19.02
C GLU C 89 -0.48 9.56 18.35
N CYS C 90 -0.95 8.35 18.63
CA CYS C 90 -2.22 7.88 18.12
C CYS C 90 -3.31 8.06 19.18
N HIS C 91 -4.36 7.22 19.15
CA HIS C 91 -5.22 7.02 20.31
C HIS C 91 -4.48 5.95 21.14
N ALA C 92 -5.20 5.08 21.85
CA ALA C 92 -4.50 3.99 22.55
C ALA C 92 -4.66 2.69 21.82
N PRO C 93 -3.95 2.51 20.70
CA PRO C 93 -4.24 1.24 20.07
C PRO C 93 -3.52 0.18 20.87
N GLU C 94 -3.48 -1.04 20.36
CA GLU C 94 -2.55 -1.99 20.93
C GLU C 94 -1.18 -1.33 20.88
N PRO C 95 -0.40 -1.57 21.93
CA PRO C 95 0.84 -0.83 22.12
C PRO C 95 1.83 -1.05 20.98
N HIS C 96 1.67 -2.15 20.25
CA HIS C 96 2.63 -2.54 19.23
C HIS C 96 2.49 -1.86 17.89
N ILE C 97 1.52 -0.97 17.77
CA ILE C 97 1.39 -0.17 16.57
C ILE C 97 1.88 1.27 16.79
N LEU C 98 2.87 1.69 16.00
CA LEU C 98 3.41 3.05 16.05
C LEU C 98 3.04 3.83 14.80
N LEU C 99 2.58 5.06 14.93
CA LEU C 99 2.23 5.84 13.75
C LEU C 99 3.39 6.80 13.46
N PHE C 100 3.70 7.03 12.19
CA PHE C 100 4.77 7.93 11.78
C PHE C 100 4.31 8.91 10.73
N LYS C 101 4.87 10.12 10.74
CA LYS C 101 4.59 11.04 9.65
C LYS C 101 5.81 11.81 9.18
N ARG C 102 5.74 12.32 7.96
CA ARG C 102 6.70 13.28 7.46
C ARG C 102 6.02 14.22 6.48
N PRO C 103 6.48 15.47 6.43
CA PRO C 103 5.85 16.45 5.55
C PRO C 103 5.97 16.09 4.09
N LEU C 104 4.97 16.46 3.31
CA LEU C 104 5.00 16.24 1.88
C LEU C 104 6.16 17.00 1.24
N ASN C 105 6.51 18.14 1.84
CA ASN C 105 7.60 18.97 1.38
C ASN C 105 8.98 18.64 2.00
N TYR C 106 9.34 17.37 2.04
CA TYR C 106 10.60 16.92 2.63
C TYR C 106 11.64 16.68 1.54
N GLU C 107 12.87 17.19 1.73
CA GLU C 107 13.84 17.08 0.66
C GLU C 107 14.98 16.06 0.93
N ALA C 108 15.11 15.62 2.19
CA ALA C 108 15.88 14.42 2.54
C ALA C 108 17.36 14.36 2.13
N GLU C 109 18.19 15.28 2.62
CA GLU C 109 19.62 15.17 2.34
C GLU C 109 20.41 14.41 3.41
N LEU C 110 21.64 14.04 3.05
CA LEU C 110 22.56 13.46 4.01
C LEU C 110 23.72 14.41 4.26
N ARG C 111 23.87 14.90 5.48
CA ARG C 111 24.98 15.84 5.77
C ARG C 111 25.90 15.31 6.83
N ALA C 112 27.16 15.06 6.44
CA ALA C 112 28.17 14.62 7.40
C ALA C 112 29.35 15.57 7.31
N ALA C 113 29.69 16.19 8.43
CA ALA C 113 30.86 17.06 8.49
C ALA C 113 32.10 16.22 8.32
N ILE C 114 33.09 16.74 7.61
CA ILE C 114 34.39 16.06 7.55
C ILE C 114 35.53 16.95 8.05
N PRO C 115 36.47 16.36 8.80
CA PRO C 115 37.46 17.13 9.56
C PRO C 115 38.70 17.58 8.78
N ILE C 116 39.08 18.85 8.97
CA ILE C 116 40.32 19.39 8.45
C ILE C 116 41.17 19.91 9.62
N PRO C 118 43.16 22.53 11.66
CA PRO C 118 42.96 23.98 11.82
C PRO C 118 44.24 24.74 11.59
N THR C 119 44.14 26.04 11.31
CA THR C 119 45.31 26.87 11.03
C THR C 119 46.06 27.23 12.30
N ALA D 7 29.61 12.64 -14.32
CA ALA D 7 29.98 11.94 -15.55
C ALA D 7 28.86 11.03 -16.02
N PHE D 8 27.79 11.62 -16.56
CA PHE D 8 26.57 10.91 -16.94
C PHE D 8 26.85 9.58 -17.68
N GLN D 9 26.31 8.49 -17.16
CA GLN D 9 26.36 7.20 -17.85
C GLN D 9 25.19 7.06 -18.83
N GLY D 10 25.47 6.87 -20.11
CA GLY D 10 24.40 6.70 -21.07
C GLY D 10 24.03 7.98 -21.79
N ARG D 11 22.92 7.95 -22.51
CA ARG D 11 22.49 9.08 -23.34
C ARG D 11 21.63 10.10 -22.59
N LYS D 12 22.24 11.16 -22.08
CA LYS D 12 21.47 12.20 -21.38
C LYS D 12 20.43 12.87 -22.30
N LEU D 13 19.29 13.23 -21.72
CA LEU D 13 18.22 13.92 -22.45
C LEU D 13 18.63 15.34 -22.77
N THR D 14 18.03 15.94 -23.80
CA THR D 14 18.28 17.34 -24.11
C THR D 14 17.35 18.19 -23.26
N ASP D 15 17.63 19.49 -23.18
CA ASP D 15 16.79 20.39 -22.39
C ASP D 15 15.38 20.38 -22.97
N GLN D 16 15.28 19.96 -24.22
CA GLN D 16 14.01 19.91 -24.95
C GLN D 16 13.27 18.57 -24.76
N GLU D 17 14.05 17.48 -24.78
CA GLU D 17 13.53 16.16 -24.44
C GLU D 17 13.02 16.12 -23.00
N ARG D 18 13.88 16.49 -22.05
CA ARG D 18 13.55 16.48 -20.63
C ARG D 18 12.26 17.21 -20.29
N ALA D 19 12.09 18.43 -20.79
CA ALA D 19 10.89 19.21 -20.48
C ALA D 19 9.63 18.51 -20.98
N ARG D 20 9.76 17.80 -22.10
CA ARG D 20 8.63 17.11 -22.71
C ARG D 20 8.23 15.91 -21.85
N VAL D 21 9.22 15.19 -21.31
CA VAL D 21 9.03 13.99 -20.51
C VAL D 21 8.61 14.28 -19.07
N LEU D 22 9.18 15.33 -18.48
CA LEU D 22 8.89 15.64 -17.08
C LEU D 22 7.44 16.03 -16.81
N GLU D 23 6.69 16.29 -17.88
CA GLU D 23 5.30 16.68 -17.77
C GLU D 23 4.44 15.52 -17.27
N PHE D 24 4.92 14.30 -17.50
CA PHE D 24 4.25 13.07 -17.11
C PHE D 24 4.69 12.55 -15.76
N GLN D 25 5.62 13.26 -15.13
CA GLN D 25 6.25 12.71 -13.96
C GLN D 25 5.24 12.38 -12.84
N ASP D 26 4.28 13.27 -12.60
CA ASP D 26 3.32 13.11 -11.51
C ASP D 26 2.32 11.99 -11.76
N SER D 27 2.38 11.40 -12.95
CA SER D 27 1.45 10.35 -13.29
C SER D 27 2.13 8.98 -13.36
N ILE D 28 3.42 8.93 -13.02
CA ILE D 28 4.11 7.66 -13.00
C ILE D 28 3.73 6.92 -11.73
N HIS D 29 3.39 5.64 -11.84
CA HIS D 29 2.89 4.85 -10.70
CA HIS D 29 2.91 4.87 -10.71
C HIS D 29 3.93 3.80 -10.30
N TYR D 30 3.97 3.49 -9.01
CA TYR D 30 4.99 2.57 -8.48
C TYR D 30 4.37 1.37 -7.75
N SER D 31 4.68 0.15 -8.19
CA SER D 31 4.17 -1.05 -7.52
C SER D 31 4.76 -1.28 -6.14
N PRO D 32 4.06 -2.05 -5.30
CA PRO D 32 4.65 -2.57 -4.07
C PRO D 32 5.73 -3.54 -4.42
N ARG D 33 6.62 -3.84 -3.47
CA ARG D 33 7.71 -4.76 -3.73
C ARG D 33 7.31 -6.20 -3.47
N TYR D 34 7.92 -7.13 -4.18
CA TYR D 34 7.81 -8.56 -3.85
C TYR D 34 9.22 -9.13 -3.95
N SER D 35 9.46 -10.31 -3.38
CA SER D 35 10.82 -10.80 -3.30
C SER D 35 10.94 -12.31 -3.46
N ASP D 36 12.11 -12.75 -3.91
CA ASP D 36 12.42 -14.16 -3.93
C ASP D 36 13.55 -14.45 -2.97
N ASP D 37 14.38 -15.44 -3.28
CA ASP D 37 15.49 -15.83 -2.41
C ASP D 37 16.69 -14.86 -2.52
N ASN D 38 16.72 -14.08 -3.61
CA ASN D 38 17.85 -13.22 -3.87
C ASN D 38 17.51 -11.75 -4.10
N TYR D 39 16.31 -11.50 -4.59
CA TYR D 39 15.99 -10.13 -4.95
C TYR D 39 14.69 -9.54 -4.41
N GLU D 40 14.66 -8.23 -4.31
CA GLU D 40 13.41 -7.49 -4.29
C GLU D 40 13.06 -7.17 -5.71
N TYR D 41 11.76 -7.10 -6.01
CA TYR D 41 11.33 -6.68 -7.34
C TYR D 41 10.25 -5.64 -7.23
N ARG D 42 10.10 -4.85 -8.28
CA ARG D 42 9.01 -3.90 -8.34
C ARG D 42 8.90 -3.44 -9.77
N HIS D 43 7.74 -2.92 -10.17
CA HIS D 43 7.73 -2.31 -11.47
C HIS D 43 7.06 -0.97 -11.50
N VAL D 44 7.49 -0.21 -12.50
CA VAL D 44 7.14 1.18 -12.66
C VAL D 44 6.32 1.29 -13.91
N MET D 45 5.21 1.99 -13.80
CA MET D 45 4.24 2.04 -14.87
C MET D 45 4.00 3.43 -15.40
N LEU D 46 4.33 3.63 -16.66
CA LEU D 46 4.20 4.93 -17.30
C LEU D 46 2.84 5.10 -17.91
N PRO D 47 2.34 6.35 -17.93
CA PRO D 47 1.16 6.70 -18.72
C PRO D 47 1.51 6.36 -20.16
N LYS D 48 0.62 5.74 -20.93
CA LYS D 48 0.95 5.36 -22.31
C LYS D 48 1.41 6.60 -23.11
N ALA D 49 0.85 7.77 -22.77
CA ALA D 49 1.16 9.02 -23.45
C ALA D 49 2.65 9.43 -23.30
N MET D 50 3.24 9.06 -22.18
CA MET D 50 4.63 9.36 -21.94
C MET D 50 5.52 8.58 -22.91
N LEU D 51 5.08 7.41 -23.36
CA LEU D 51 5.89 6.63 -24.30
C LEU D 51 6.13 7.36 -25.62
N LYS D 52 5.16 8.18 -26.01
CA LYS D 52 5.22 8.91 -27.28
C LYS D 52 6.34 9.94 -27.29
N VAL D 53 6.69 10.46 -26.12
CA VAL D 53 7.63 11.56 -26.05
C VAL D 53 8.99 11.12 -25.53
N ILE D 54 9.14 9.82 -25.34
CA ILE D 54 10.43 9.23 -24.98
C ILE D 54 11.25 9.04 -26.25
N PRO D 55 12.47 9.59 -26.25
CA PRO D 55 13.37 9.55 -27.40
C PRO D 55 13.54 8.15 -27.99
N SER D 56 13.75 8.11 -29.31
CA SER D 56 13.74 6.88 -30.08
C SER D 56 14.89 5.90 -29.74
N ASP D 57 16.04 6.43 -29.31
CA ASP D 57 17.21 5.60 -29.03
C ASP D 57 17.13 4.92 -27.67
N TYR D 58 16.07 5.24 -26.94
CA TYR D 58 15.80 4.62 -25.66
C TYR D 58 15.02 3.32 -25.85
N PHE D 59 14.46 3.14 -27.04
CA PHE D 59 13.82 1.89 -27.38
C PHE D 59 14.82 1.06 -28.17
N ASN D 60 14.62 -0.26 -28.25
CA ASN D 60 15.32 -1.03 -29.28
C ASN D 60 14.31 -1.41 -30.38
N SER D 61 14.68 -1.14 -31.63
CA SER D 61 13.79 -1.24 -32.79
C SER D 61 13.10 -2.58 -32.91
N GLU D 62 13.79 -3.62 -32.45
CA GLU D 62 13.31 -4.99 -32.55
C GLU D 62 11.88 -5.13 -32.02
N VAL D 63 11.75 -5.04 -30.70
CA VAL D 63 10.48 -5.29 -30.02
C VAL D 63 9.48 -4.10 -30.10
N GLY D 64 9.92 -2.94 -29.62
CA GLY D 64 9.04 -1.79 -29.48
C GLY D 64 9.08 -1.36 -28.03
N THR D 65 9.81 -2.13 -27.24
CA THR D 65 10.01 -1.90 -25.82
C THR D 65 11.24 -1.03 -25.52
N LEU D 66 11.37 -0.58 -24.28
CA LEU D 66 12.54 0.18 -23.88
C LEU D 66 13.74 -0.75 -23.73
N ARG D 67 14.93 -0.24 -24.01
CA ARG D 67 16.15 -1.00 -23.82
C ARG D 67 16.53 -0.95 -22.34
N ILE D 68 17.55 -1.71 -21.94
CA ILE D 68 18.08 -1.59 -20.58
C ILE D 68 18.53 -0.14 -20.33
N LEU D 69 18.07 0.47 -19.23
CA LEU D 69 18.46 1.85 -18.93
C LEU D 69 19.49 1.91 -17.80
N THR D 70 20.47 2.82 -17.92
CA THR D 70 21.41 3.05 -16.82
C THR D 70 20.65 3.78 -15.73
N GLU D 71 21.17 3.80 -14.49
CA GLU D 71 20.45 4.49 -13.43
C GLU D 71 20.22 5.96 -13.79
N ASP D 72 21.29 6.64 -14.22
CA ASP D 72 21.22 8.02 -14.69
C ASP D 72 20.11 8.23 -15.74
N GLU D 73 19.99 7.25 -16.64
CA GLU D 73 19.03 7.34 -17.72
C GLU D 73 17.57 7.33 -17.24
N TRP D 74 17.19 6.34 -16.44
CA TRP D 74 15.78 6.21 -16.00
C TRP D 74 15.42 7.20 -14.89
N ARG D 75 16.41 7.77 -14.20
CA ARG D 75 16.09 8.88 -13.31
C ARG D 75 15.86 10.12 -14.15
N GLY D 76 16.57 10.20 -15.25
CA GLY D 76 16.41 11.29 -16.20
C GLY D 76 14.98 11.43 -16.68
N LEU D 77 14.30 10.31 -16.85
CA LEU D 77 12.93 10.25 -17.39
C LEU D 77 11.88 10.70 -16.38
N GLY D 78 12.31 10.96 -15.15
CA GLY D 78 11.42 11.41 -14.11
C GLY D 78 11.10 10.30 -13.13
N ILE D 79 11.44 9.07 -13.48
CA ILE D 79 11.18 7.93 -12.62
C ILE D 79 12.01 8.04 -11.35
N THR D 80 11.31 8.25 -10.25
CA THR D 80 11.86 8.56 -8.94
C THR D 80 11.68 7.40 -7.93
N GLN D 81 12.76 6.73 -7.54
CA GLN D 81 12.70 5.73 -6.44
C GLN D 81 13.98 5.71 -5.63
N SER D 82 14.01 4.95 -4.55
CA SER D 82 15.18 5.00 -3.67
C SER D 82 16.39 4.28 -4.28
N LEU D 83 17.46 4.13 -3.53
CA LEU D 83 18.71 3.63 -4.10
C LEU D 83 18.69 2.12 -4.30
N GLY D 84 19.41 1.65 -5.30
CA GLY D 84 19.69 0.23 -5.42
C GLY D 84 19.00 -0.49 -6.56
N TRP D 85 17.95 0.13 -7.07
CA TRP D 85 17.17 -0.49 -8.09
C TRP D 85 17.92 -0.57 -9.42
N GLU D 86 17.86 -1.75 -10.04
CA GLU D 86 18.39 -1.97 -11.36
C GLU D 86 17.22 -2.23 -12.31
N HIS D 87 17.27 -1.63 -13.51
CA HIS D 87 16.30 -1.93 -14.55
C HIS D 87 16.69 -3.23 -15.29
N TYR D 88 15.77 -4.19 -15.39
CA TYR D 88 16.07 -5.44 -16.07
C TYR D 88 14.93 -5.85 -17.04
N GLU D 89 15.25 -6.77 -17.95
CA GLU D 89 14.29 -7.26 -18.95
C GLU D 89 13.47 -8.47 -18.46
N CYS D 90 12.17 -8.48 -18.75
CA CYS D 90 11.25 -9.60 -18.43
C CYS D 90 10.94 -10.50 -19.62
N HIS D 91 9.66 -10.83 -19.75
CA HIS D 91 9.14 -11.32 -21.02
C HIS D 91 8.91 -10.08 -21.89
N ALA D 92 7.98 -10.17 -22.83
CA ALA D 92 7.60 -9.01 -23.64
C ALA D 92 6.23 -8.46 -23.24
N PRO D 93 6.16 -7.76 -22.09
CA PRO D 93 4.85 -7.29 -21.67
C PRO D 93 4.47 -6.07 -22.48
N GLU D 94 3.40 -5.40 -22.07
CA GLU D 94 3.15 -4.07 -22.59
C GLU D 94 4.36 -3.16 -22.29
N PRO D 95 4.69 -2.27 -23.24
CA PRO D 95 5.91 -1.44 -23.18
C PRO D 95 6.00 -0.44 -22.01
N HIS D 96 4.87 -0.03 -21.44
CA HIS D 96 4.89 1.03 -20.43
C HIS D 96 5.18 0.49 -19.02
N ILE D 97 5.33 -0.82 -18.89
CA ILE D 97 5.69 -1.39 -17.62
C ILE D 97 7.18 -1.66 -17.65
N LEU D 98 7.89 -1.02 -16.73
CA LEU D 98 9.34 -1.21 -16.58
C LEU D 98 9.61 -1.97 -15.28
N LEU D 99 10.44 -3.00 -15.34
CA LEU D 99 10.72 -3.81 -14.16
C LEU D 99 12.03 -3.43 -13.48
N PHE D 100 12.07 -3.43 -12.15
CA PHE D 100 13.31 -3.13 -11.44
C PHE D 100 13.62 -4.19 -10.40
N LYS D 101 14.91 -4.42 -10.13
CA LYS D 101 15.27 -5.29 -9.02
C LYS D 101 16.46 -4.77 -8.25
N ARG D 102 16.58 -5.17 -6.99
CA ARG D 102 17.77 -4.88 -6.20
C ARG D 102 18.03 -6.08 -5.29
N PRO D 103 19.31 -6.32 -4.96
CA PRO D 103 19.66 -7.47 -4.12
C PRO D 103 19.08 -7.35 -2.71
N LEU D 104 18.75 -8.47 -2.09
CA LEU D 104 18.26 -8.47 -0.72
C LEU D 104 19.33 -8.01 0.27
N ASN D 105 20.58 -8.33 -0.05
CA ASN D 105 21.72 -7.95 0.78
C ASN D 105 22.24 -6.58 0.38
N TYR D 106 21.35 -5.61 0.32
CA TYR D 106 21.75 -4.27 -0.10
C TYR D 106 22.01 -3.39 1.13
N GLU D 107 23.15 -2.71 1.12
CA GLU D 107 23.60 -1.96 2.29
C GLU D 107 23.50 -0.45 2.09
N ALA D 108 23.29 -0.01 0.84
CA ALA D 108 22.82 1.35 0.56
C ALA D 108 23.62 2.42 1.27
N GLU D 109 24.92 2.44 1.04
CA GLU D 109 25.72 3.52 1.63
C GLU D 109 25.89 4.67 0.64
N LEU D 110 26.34 5.79 1.16
CA LEU D 110 26.69 6.92 0.33
C LEU D 110 28.20 7.12 0.39
N ARG D 111 28.89 6.93 -0.74
CA ARG D 111 30.34 7.01 -0.75
C ARG D 111 30.86 8.13 -1.64
N ALA D 112 31.59 9.03 -1.01
CA ALA D 112 32.22 10.12 -1.71
C ALA D 112 33.73 10.15 -1.41
N ALA D 113 34.56 10.20 -2.45
CA ALA D 113 35.98 10.41 -2.22
C ALA D 113 36.17 11.82 -1.67
N ILE D 114 37.02 11.97 -0.65
CA ILE D 114 37.32 13.34 -0.24
C ILE D 114 38.82 13.62 -0.39
N PRO D 115 39.13 14.80 -0.91
CA PRO D 115 40.49 15.16 -1.31
C PRO D 115 41.28 15.74 -0.13
N ILE D 116 42.53 15.29 0.04
CA ILE D 116 43.47 15.88 0.99
C ILE D 116 44.69 16.32 0.20
N PRO D 118 48.30 16.69 -1.01
CA PRO D 118 49.39 15.72 -0.95
C PRO D 118 50.65 16.28 -0.26
N THR D 119 51.49 15.36 0.19
CA THR D 119 52.70 15.73 0.90
C THR D 119 53.78 16.20 -0.08
#